data_2R83
#
_entry.id   2R83
#
_cell.length_a   82.372
_cell.length_b   86.310
_cell.length_c   147.186
_cell.angle_alpha   90.00
_cell.angle_beta   90.00
_cell.angle_gamma   90.00
#
_symmetry.space_group_name_H-M   'P 21 21 21'
#
loop_
_entity.id
_entity.type
_entity.pdbx_description
1 polymer Synaptotagmin-1
2 non-polymer 'CHLORIDE ION'
3 water water
#
_entity_poly.entity_id   1
_entity_poly.type   'polypeptide(L)'
_entity_poly.pdbx_seq_one_letter_code
;GSEKLGKLQYSLDYDFQNNQLLVGIIQAAELPALDMGGTSDPYVKVFLLPDKKKKFETKVHRKTLNPVFNEQFTFKVPYS
ELAGKTLVMAVYDFDRFSKHDIIGEFKVPMNTVDFGHVTEEWRDLQSAEKEEQEKLGDICFSLRYVPTAGKLTVVILEAK
NLKKMDVGGLSDPYVKIHLMQNGKRLKKKKTTIKKNTLNPYYNESFSFEVPFEQIQKVQVVVTVLDYDKIGKNDAIGKVF
VGYNSTGAELRHWSDMLANPRRPIAQWHTLQVEEEVDAMLAVKK
;
_entity_poly.pdbx_strand_id   A,B
#
loop_
_chem_comp.id
_chem_comp.type
_chem_comp.name
_chem_comp.formula
CL non-polymer 'CHLORIDE ION' 'Cl -1'
#
# COMPACT_ATOMS: atom_id res chain seq x y z
N GLU A 3 -24.92 9.79 18.63
CA GLU A 3 -24.37 10.41 17.38
C GLU A 3 -23.69 9.37 16.49
N LYS A 4 -24.22 9.21 15.28
CA LYS A 4 -23.71 8.23 14.31
C LYS A 4 -22.45 8.70 13.60
N LEU A 5 -21.33 8.07 13.91
CA LEU A 5 -20.06 8.44 13.32
C LEU A 5 -19.33 7.28 12.67
N GLY A 6 -19.96 6.11 12.62
CA GLY A 6 -19.32 4.97 12.00
C GLY A 6 -18.58 4.05 12.95
N LYS A 7 -18.07 2.95 12.41
CA LYS A 7 -17.36 1.96 13.20
C LYS A 7 -15.91 1.78 12.77
N LEU A 8 -15.10 1.27 13.68
CA LEU A 8 -13.69 1.01 13.43
C LEU A 8 -13.40 -0.43 13.91
N GLN A 9 -12.71 -1.21 13.08
CA GLN A 9 -12.34 -2.57 13.47
C GLN A 9 -10.85 -2.52 13.75
N TYR A 10 -10.45 -2.95 14.93
CA TYR A 10 -9.04 -2.91 15.28
C TYR A 10 -8.62 -4.19 16.02
N SER A 11 -7.31 -4.37 16.15
CA SER A 11 -6.78 -5.52 16.87
C SER A 11 -5.80 -4.98 17.90
N LEU A 12 -5.70 -5.64 19.03
CA LEU A 12 -4.80 -5.22 20.08
C LEU A 12 -4.19 -6.46 20.72
N ASP A 13 -2.88 -6.44 20.88
CA ASP A 13 -2.20 -7.60 21.43
C ASP A 13 -0.84 -7.23 21.98
N TYR A 14 -0.47 -7.81 23.11
CA TYR A 14 0.83 -7.52 23.67
C TYR A 14 1.75 -8.69 23.37
N ASP A 15 2.87 -8.39 22.72
CA ASP A 15 3.84 -9.40 22.35
C ASP A 15 4.93 -9.48 23.42
N PHE A 16 4.70 -10.34 24.41
CA PHE A 16 5.64 -10.54 25.52
C PHE A 16 7.04 -10.95 25.08
N GLN A 17 7.16 -11.46 23.86
CA GLN A 17 8.44 -11.88 23.32
C GLN A 17 9.34 -10.67 23.09
N ASN A 18 8.83 -9.71 22.32
CA ASN A 18 9.59 -8.52 21.99
C ASN A 18 9.21 -7.32 22.83
N ASN A 19 8.41 -7.54 23.86
CA ASN A 19 7.97 -6.46 24.74
C ASN A 19 7.53 -5.25 23.97
N GLN A 20 6.46 -5.42 23.20
CA GLN A 20 5.91 -4.35 22.41
C GLN A 20 4.41 -4.56 22.21
N LEU A 21 3.68 -3.47 22.11
CA LEU A 21 2.23 -3.50 21.92
C LEU A 21 1.93 -3.46 20.43
N LEU A 22 1.10 -4.39 19.97
CA LEU A 22 0.74 -4.47 18.57
C LEU A 22 -0.67 -3.92 18.33
N VAL A 23 -0.77 -2.90 17.51
CA VAL A 23 -2.07 -2.30 17.19
C VAL A 23 -2.38 -2.48 15.71
N GLY A 24 -3.55 -3.05 15.43
CA GLY A 24 -3.95 -3.26 14.05
C GLY A 24 -5.15 -2.42 13.69
N ILE A 25 -5.04 -1.65 12.60
CA ILE A 25 -6.16 -0.84 12.13
C ILE A 25 -6.66 -1.59 10.89
N ILE A 26 -7.71 -2.38 11.05
CA ILE A 26 -8.24 -3.18 9.95
C ILE A 26 -9.10 -2.43 8.96
N GLN A 27 -10.12 -1.75 9.47
CA GLN A 27 -11.05 -1.02 8.59
C GLN A 27 -12.05 -0.19 9.38
N ALA A 28 -12.75 0.69 8.67
CA ALA A 28 -13.78 1.51 9.28
C ALA A 28 -15.00 1.37 8.38
N ALA A 29 -16.17 1.52 8.96
CA ALA A 29 -17.41 1.38 8.18
C ALA A 29 -18.39 2.47 8.52
N GLU A 30 -19.28 2.76 7.57
CA GLU A 30 -20.32 3.76 7.74
C GLU A 30 -19.90 5.14 8.21
N LEU A 31 -18.79 5.66 7.73
CA LEU A 31 -18.36 6.99 8.15
C LEU A 31 -19.42 8.02 7.70
N PRO A 32 -19.67 9.05 8.51
CA PRO A 32 -20.66 10.07 8.16
C PRO A 32 -20.48 10.61 6.73
N ALA A 33 -21.59 10.68 6.01
CA ALA A 33 -21.58 11.16 4.64
C ALA A 33 -21.60 12.69 4.60
N LEU A 34 -20.60 13.27 3.93
CA LEU A 34 -20.51 14.71 3.81
C LEU A 34 -21.65 15.30 2.99
N ASP A 35 -21.96 16.56 3.27
CA ASP A 35 -23.00 17.27 2.54
C ASP A 35 -22.33 18.43 1.79
N MET A 36 -21.06 18.67 2.10
CA MET A 36 -20.28 19.72 1.46
C MET A 36 -19.26 19.10 0.50
N GLY A 37 -19.15 17.78 0.53
CA GLY A 37 -18.23 17.07 -0.34
C GLY A 37 -18.78 15.80 -0.97
N GLY A 38 -19.44 14.96 -0.16
CA GLY A 38 -20.01 13.71 -0.66
C GLY A 38 -19.43 12.51 0.07
N THR A 39 -18.12 12.32 -0.10
CA THR A 39 -17.40 11.23 0.54
C THR A 39 -16.34 11.82 1.45
N SER A 40 -15.31 11.02 1.75
CA SER A 40 -14.23 11.47 2.60
C SER A 40 -12.95 10.82 2.12
N ASP A 41 -11.82 11.35 2.56
CA ASP A 41 -10.53 10.76 2.24
C ASP A 41 -9.98 10.45 3.63
N PRO A 42 -10.51 9.39 4.24
CA PRO A 42 -10.13 8.94 5.58
C PRO A 42 -8.78 8.26 5.79
N TYR A 43 -8.25 8.49 6.99
CA TYR A 43 -7.02 7.88 7.43
C TYR A 43 -7.06 7.90 8.94
N VAL A 44 -6.24 7.05 9.56
CA VAL A 44 -6.23 6.97 11.01
C VAL A 44 -4.88 7.29 11.63
N LYS A 45 -4.90 8.09 12.69
CA LYS A 45 -3.70 8.42 13.44
C LYS A 45 -3.76 7.52 14.67
N VAL A 46 -2.64 6.90 15.00
CA VAL A 46 -2.58 6.00 16.13
C VAL A 46 -1.48 6.41 17.08
N PHE A 47 -1.82 6.58 18.36
CA PHE A 47 -0.83 6.95 19.35
C PHE A 47 -1.22 6.52 20.77
N LEU A 48 -0.26 6.59 21.70
CA LEU A 48 -0.49 6.23 23.10
C LEU A 48 -0.38 7.41 24.03
N LEU A 49 -1.46 7.74 24.75
CA LEU A 49 -1.37 8.83 25.71
C LEU A 49 -0.57 8.26 26.87
N PRO A 50 0.11 9.11 27.64
CA PRO A 50 0.19 10.57 27.52
C PRO A 50 1.23 11.16 26.57
N ASP A 51 1.90 10.34 25.77
CA ASP A 51 2.91 10.92 24.90
C ASP A 51 2.55 11.05 23.43
N LYS A 52 1.75 12.09 23.17
CA LYS A 52 1.27 12.41 21.83
C LYS A 52 2.40 12.88 20.92
N LYS A 53 3.63 12.60 21.33
CA LYS A 53 4.79 12.96 20.54
C LYS A 53 4.77 12.02 19.34
N LYS A 54 4.89 10.72 19.62
CA LYS A 54 4.88 9.70 18.57
C LYS A 54 3.48 9.36 18.08
N LYS A 55 3.23 9.63 16.80
CA LYS A 55 1.96 9.33 16.19
C LYS A 55 2.22 8.57 14.91
N PHE A 56 1.35 7.63 14.57
CA PHE A 56 1.52 6.88 13.33
C PHE A 56 0.31 7.20 12.47
N GLU A 57 0.42 6.98 11.17
CA GLU A 57 -0.69 7.26 10.27
C GLU A 57 -0.85 6.14 9.27
N THR A 58 -2.09 5.86 8.92
CA THR A 58 -2.37 4.84 7.92
C THR A 58 -2.29 5.60 6.59
N LYS A 59 -2.34 4.87 5.50
CA LYS A 59 -2.35 5.49 4.21
C LYS A 59 -3.68 6.24 4.13
N VAL A 60 -3.74 7.33 3.37
CA VAL A 60 -4.99 8.05 3.23
C VAL A 60 -5.80 7.34 2.14
N HIS A 61 -7.04 7.00 2.42
CA HIS A 61 -7.85 6.34 1.42
C HIS A 61 -8.74 7.35 0.73
N ARG A 62 -8.87 7.21 -0.59
CA ARG A 62 -9.63 8.16 -1.38
C ARG A 62 -11.10 7.88 -1.59
N LYS A 63 -11.89 8.95 -1.51
CA LYS A 63 -13.35 8.95 -1.71
C LYS A 63 -14.08 7.70 -1.21
N THR A 64 -14.19 7.54 0.10
CA THR A 64 -14.85 6.36 0.65
C THR A 64 -15.35 6.54 2.08
N LEU A 65 -16.39 5.82 2.43
CA LEU A 65 -16.94 5.89 3.78
C LEU A 65 -16.75 4.52 4.45
N ASN A 66 -16.11 3.60 3.73
CA ASN A 66 -15.84 2.26 4.24
C ASN A 66 -14.43 1.81 3.84
N PRO A 67 -13.40 2.46 4.41
CA PRO A 67 -12.01 2.12 4.10
C PRO A 67 -11.49 0.86 4.74
N VAL A 68 -10.77 0.07 3.96
CA VAL A 68 -10.16 -1.15 4.47
C VAL A 68 -8.65 -0.87 4.48
N PHE A 69 -8.08 -0.74 5.67
CA PHE A 69 -6.66 -0.43 5.83
C PHE A 69 -5.69 -1.61 5.89
N ASN A 70 -5.97 -2.58 6.77
CA ASN A 70 -5.09 -3.74 6.92
C ASN A 70 -3.70 -3.30 7.33
N GLU A 71 -3.62 -2.30 8.22
CA GLU A 71 -2.33 -1.80 8.67
C GLU A 71 -1.98 -2.17 10.12
N GLN A 72 -0.69 -2.40 10.35
CA GLN A 72 -0.18 -2.79 11.68
C GLN A 72 0.79 -1.75 12.25
N PHE A 73 0.72 -1.49 13.55
CA PHE A 73 1.62 -0.53 14.17
C PHE A 73 2.23 -1.14 15.42
N THR A 74 3.36 -0.60 15.86
CA THR A 74 4.06 -1.12 17.03
C THR A 74 4.51 -0.07 18.03
N PHE A 75 4.28 -0.35 19.32
CA PHE A 75 4.70 0.55 20.40
C PHE A 75 5.57 -0.22 21.38
N LYS A 76 6.86 0.07 21.39
CA LYS A 76 7.77 -0.61 22.31
C LYS A 76 7.56 -0.06 23.71
N VAL A 77 6.85 -0.81 24.53
CA VAL A 77 6.57 -0.41 25.89
C VAL A 77 6.66 -1.63 26.80
N PRO A 78 7.40 -1.52 27.90
CA PRO A 78 7.54 -2.64 28.84
C PRO A 78 6.16 -2.93 29.43
N TYR A 79 5.81 -4.20 29.54
CA TYR A 79 4.52 -4.60 30.08
C TYR A 79 4.23 -3.88 31.39
N SER A 80 5.27 -3.71 32.21
CA SER A 80 5.13 -3.06 33.52
C SER A 80 5.04 -1.53 33.46
N GLU A 81 4.86 -1.00 32.26
CA GLU A 81 4.73 0.44 32.10
C GLU A 81 3.49 0.75 31.29
N LEU A 82 2.63 -0.25 31.15
CA LEU A 82 1.41 -0.13 30.40
C LEU A 82 0.34 0.65 31.14
N ALA A 83 0.27 0.47 32.46
CA ALA A 83 -0.74 1.18 33.25
C ALA A 83 -0.58 2.68 33.11
N GLY A 84 -1.70 3.37 32.95
CA GLY A 84 -1.63 4.82 32.80
C GLY A 84 -1.58 5.24 31.35
N LYS A 85 -1.54 4.28 30.44
CA LYS A 85 -1.49 4.61 29.03
C LYS A 85 -2.83 4.33 28.36
N THR A 86 -3.14 5.14 27.35
CA THR A 86 -4.39 4.98 26.61
C THR A 86 -4.14 4.98 25.10
N LEU A 87 -4.68 3.97 24.42
CA LEU A 87 -4.52 3.88 22.97
C LEU A 87 -5.55 4.79 22.32
N VAL A 88 -5.11 5.64 21.41
CA VAL A 88 -6.02 6.55 20.73
C VAL A 88 -6.00 6.29 19.25
N MET A 89 -7.19 6.04 18.70
CA MET A 89 -7.34 5.79 17.27
C MET A 89 -8.33 6.80 16.72
N ALA A 90 -7.79 7.86 16.13
CA ALA A 90 -8.59 8.94 15.57
C ALA A 90 -8.68 8.87 14.04
N VAL A 91 -9.91 8.90 13.54
CA VAL A 91 -10.16 8.85 12.10
C VAL A 91 -10.28 10.28 11.56
N TYR A 92 -9.30 10.70 10.78
CA TYR A 92 -9.31 12.05 10.21
C TYR A 92 -9.81 12.05 8.77
N ASP A 93 -10.28 13.21 8.33
CA ASP A 93 -10.74 13.36 6.96
C ASP A 93 -9.73 14.27 6.30
N PHE A 94 -9.00 13.71 5.34
CA PHE A 94 -7.96 14.44 4.66
C PHE A 94 -8.38 15.47 3.62
N ASP A 95 -7.58 16.52 3.56
CA ASP A 95 -7.70 17.59 2.59
C ASP A 95 -6.39 18.35 2.79
N ARG A 96 -6.01 19.21 1.86
CA ARG A 96 -4.72 19.88 1.97
C ARG A 96 -4.55 20.93 3.05
N PHE A 97 -5.53 21.03 3.94
CA PHE A 97 -5.47 22.00 5.00
C PHE A 97 -4.91 21.55 6.35
N SER A 98 -4.62 22.55 7.16
CA SER A 98 -4.08 22.36 8.51
C SER A 98 -5.11 21.78 9.51
N LYS A 99 -6.40 21.94 9.16
CA LYS A 99 -7.55 21.52 9.94
C LYS A 99 -7.41 20.63 11.18
N HIS A 100 -7.57 19.32 10.96
CA HIS A 100 -7.55 18.28 11.98
C HIS A 100 -9.03 17.89 12.13
N ASP A 101 -9.64 17.59 10.99
CA ASP A 101 -11.04 17.21 10.89
C ASP A 101 -11.21 15.78 11.42
N ILE A 102 -11.55 15.65 12.70
CA ILE A 102 -11.71 14.34 13.34
C ILE A 102 -13.09 13.73 13.09
N ILE A 103 -13.24 12.91 12.06
CA ILE A 103 -14.53 12.30 11.81
C ILE A 103 -15.06 11.70 13.11
N GLY A 104 -14.17 11.04 13.84
CA GLY A 104 -14.54 10.41 15.10
C GLY A 104 -13.34 9.66 15.66
N GLU A 105 -13.43 9.17 16.89
CA GLU A 105 -12.30 8.46 17.46
C GLU A 105 -12.71 7.39 18.46
N PHE A 106 -11.74 6.60 18.89
CA PHE A 106 -11.99 5.55 19.87
C PHE A 106 -10.79 5.37 20.79
N LYS A 107 -10.98 5.58 22.09
CA LYS A 107 -9.90 5.43 23.04
C LYS A 107 -10.00 4.09 23.75
N VAL A 108 -8.86 3.51 24.07
CA VAL A 108 -8.80 2.23 24.75
C VAL A 108 -7.80 2.31 25.91
N PRO A 109 -8.31 2.54 27.14
CA PRO A 109 -7.42 2.63 28.31
C PRO A 109 -6.84 1.23 28.53
N MET A 110 -5.53 1.14 28.74
CA MET A 110 -4.91 -0.16 28.92
C MET A 110 -5.56 -0.98 30.05
N ASN A 111 -6.07 -0.29 31.07
CA ASN A 111 -6.69 -0.99 32.18
C ASN A 111 -7.99 -1.73 31.79
N THR A 112 -8.47 -1.51 30.57
CA THR A 112 -9.69 -2.16 30.11
C THR A 112 -9.37 -3.31 29.16
N VAL A 113 -8.09 -3.58 28.99
CA VAL A 113 -7.67 -4.63 28.08
C VAL A 113 -7.25 -5.91 28.76
N ASP A 114 -7.78 -7.02 28.27
CA ASP A 114 -7.42 -8.33 28.79
C ASP A 114 -6.34 -8.86 27.87
N PHE A 115 -5.10 -8.67 28.25
CA PHE A 115 -3.98 -9.13 27.44
C PHE A 115 -3.93 -10.66 27.46
N GLY A 116 -2.81 -11.24 27.06
CA GLY A 116 -2.76 -12.70 27.05
C GLY A 116 -4.02 -13.24 26.38
N HIS A 117 -4.32 -12.70 25.22
CA HIS A 117 -5.49 -13.05 24.42
C HIS A 117 -5.59 -11.91 23.41
N VAL A 118 -5.84 -12.25 22.15
CA VAL A 118 -5.92 -11.23 21.12
C VAL A 118 -7.26 -10.52 21.03
N THR A 119 -7.20 -9.20 21.11
CA THR A 119 -8.38 -8.36 21.03
C THR A 119 -8.58 -7.95 19.57
N GLU A 120 -9.76 -8.19 19.04
CA GLU A 120 -10.06 -7.84 17.66
C GLU A 120 -11.56 -7.62 17.61
N GLU A 121 -11.98 -6.39 17.36
CA GLU A 121 -13.40 -6.08 17.34
C GLU A 121 -13.74 -4.76 16.64
N TRP A 122 -15.03 -4.48 16.59
CA TRP A 122 -15.58 -3.25 16.04
C TRP A 122 -16.08 -2.46 17.23
N ARG A 123 -15.97 -1.13 17.16
CA ARG A 123 -16.45 -0.26 18.22
C ARG A 123 -16.86 1.05 17.53
N ASP A 124 -17.97 1.63 17.98
CA ASP A 124 -18.46 2.87 17.39
C ASP A 124 -17.52 4.03 17.68
N LEU A 125 -17.37 4.91 16.70
CA LEU A 125 -16.50 6.07 16.85
C LEU A 125 -17.21 7.11 17.68
N GLN A 126 -16.45 7.81 18.51
CA GLN A 126 -17.00 8.83 19.37
C GLN A 126 -16.63 10.22 18.89
N SER A 127 -17.44 11.19 19.29
CA SER A 127 -17.22 12.58 18.92
C SER A 127 -15.92 13.10 19.52
N ALA A 128 -15.29 14.04 18.84
CA ALA A 128 -14.04 14.64 19.29
C ALA A 128 -13.67 15.76 18.33
N GLU A 129 -13.37 16.93 18.88
CA GLU A 129 -12.99 18.07 18.05
C GLU A 129 -11.47 18.16 17.99
N LYS A 130 -10.87 18.36 19.15
CA LYS A 130 -9.42 18.45 19.26
C LYS A 130 -8.85 17.12 19.72
N GLU A 131 -7.64 16.81 19.28
CA GLU A 131 -6.99 15.59 19.69
C GLU A 131 -5.70 15.95 20.38
N GLU A 132 -5.34 15.20 21.41
CA GLU A 132 -4.10 15.50 22.12
C GLU A 132 -2.97 15.66 21.09
N GLN A 133 -2.43 16.87 21.01
CA GLN A 133 -1.40 17.17 20.03
C GLN A 133 -0.30 18.05 20.65
N GLU A 134 0.95 17.80 20.26
CA GLU A 134 2.07 18.62 20.72
C GLU A 134 2.13 19.81 19.75
N LYS A 135 1.86 21.03 20.21
CA LYS A 135 1.88 22.19 19.30
C LYS A 135 3.24 22.76 18.87
N LEU A 136 3.54 22.64 17.58
CA LEU A 136 4.81 23.15 17.04
C LEU A 136 4.53 24.04 15.85
N GLY A 137 3.31 23.96 15.33
CA GLY A 137 2.94 24.79 14.19
C GLY A 137 2.79 23.99 12.92
N ASP A 138 2.42 24.68 11.84
CA ASP A 138 2.23 24.07 10.54
C ASP A 138 3.07 24.77 9.49
N ILE A 139 3.59 23.98 8.55
CA ILE A 139 4.39 24.50 7.47
C ILE A 139 3.65 24.22 6.18
N CYS A 140 3.65 25.16 5.24
CA CYS A 140 2.97 24.97 3.98
C CYS A 140 3.93 25.10 2.81
N PHE A 141 4.00 24.08 1.97
CA PHE A 141 4.87 24.11 0.81
C PHE A 141 4.26 23.39 -0.39
N SER A 142 4.78 23.66 -1.57
CA SER A 142 4.27 23.03 -2.77
C SER A 142 5.37 22.20 -3.38
N LEU A 143 4.97 21.15 -4.09
CA LEU A 143 5.91 20.25 -4.75
C LEU A 143 5.51 20.16 -6.21
N ARG A 144 6.51 20.15 -7.08
CA ARG A 144 6.29 20.09 -8.52
C ARG A 144 7.39 19.25 -9.10
N TYR A 145 7.04 18.33 -9.98
CA TYR A 145 8.02 17.47 -10.60
C TYR A 145 7.81 17.36 -12.09
N VAL A 146 8.91 17.52 -12.83
CA VAL A 146 8.85 17.41 -14.27
C VAL A 146 9.65 16.16 -14.63
N PRO A 147 8.95 15.07 -14.91
CA PRO A 147 9.56 13.78 -15.27
C PRO A 147 10.68 13.86 -16.31
N THR A 148 10.36 14.38 -17.48
CA THR A 148 11.33 14.48 -18.57
C THR A 148 12.58 15.28 -18.19
N ALA A 149 12.39 16.48 -17.68
CA ALA A 149 13.51 17.33 -17.28
C ALA A 149 14.21 16.82 -16.01
N GLY A 150 13.53 15.97 -15.25
CA GLY A 150 14.12 15.46 -14.02
C GLY A 150 14.34 16.59 -13.03
N LYS A 151 13.40 17.53 -12.99
CA LYS A 151 13.48 18.68 -12.08
C LYS A 151 12.42 18.69 -10.97
N LEU A 152 12.90 18.64 -9.72
CA LEU A 152 12.03 18.67 -8.55
C LEU A 152 12.03 20.07 -7.97
N THR A 153 10.85 20.67 -7.84
CA THR A 153 10.77 22.02 -7.31
C THR A 153 9.96 22.12 -6.02
N VAL A 154 10.60 22.61 -4.96
CA VAL A 154 9.93 22.74 -3.67
C VAL A 154 9.83 24.21 -3.31
N VAL A 155 8.60 24.70 -3.13
CA VAL A 155 8.43 26.10 -2.78
C VAL A 155 7.95 26.21 -1.35
N ILE A 156 8.77 26.82 -0.49
CA ILE A 156 8.37 27.00 0.90
C ILE A 156 7.44 28.20 0.88
N LEU A 157 6.15 27.97 1.11
CA LEU A 157 5.19 29.06 1.07
C LEU A 157 5.07 29.87 2.35
N GLU A 158 4.69 29.21 3.44
CA GLU A 158 4.51 29.90 4.71
C GLU A 158 4.36 28.93 5.88
N ALA A 159 4.32 29.48 7.09
CA ALA A 159 4.15 28.68 8.29
C ALA A 159 3.19 29.44 9.20
N LYS A 160 2.64 28.75 10.20
CA LYS A 160 1.72 29.41 11.11
C LYS A 160 1.66 28.69 12.44
N ASN A 161 1.35 29.46 13.49
CA ASN A 161 1.26 28.93 14.84
C ASN A 161 2.56 28.30 15.31
N LEU A 162 3.69 28.82 14.83
CA LEU A 162 4.96 28.26 15.25
C LEU A 162 5.12 28.43 16.76
N LYS A 163 5.90 27.52 17.34
CA LYS A 163 6.17 27.52 18.76
C LYS A 163 7.07 28.72 19.08
N LYS A 164 6.90 29.29 20.27
CA LYS A 164 7.70 30.45 20.67
C LYS A 164 9.07 29.99 21.15
N MET A 165 10.10 30.41 20.43
CA MET A 165 11.48 30.01 20.74
C MET A 165 12.29 31.12 21.43
N ASP A 166 11.72 32.32 21.53
CA ASP A 166 12.42 33.43 22.17
C ASP A 166 11.69 33.89 23.44
N VAL A 167 12.42 33.96 24.54
CA VAL A 167 11.86 34.39 25.82
C VAL A 167 11.30 35.81 25.74
N GLY A 168 10.11 36.00 26.30
CA GLY A 168 9.48 37.31 26.26
C GLY A 168 9.39 37.80 24.83
N GLY A 169 9.10 36.88 23.92
CA GLY A 169 8.99 37.22 22.52
C GLY A 169 8.35 36.10 21.71
N LEU A 170 8.58 36.12 20.40
CA LEU A 170 8.02 35.11 19.50
C LEU A 170 9.12 34.18 19.00
N SER A 171 9.48 34.32 17.73
CA SER A 171 10.53 33.50 17.14
C SER A 171 11.11 34.20 15.91
N ASP A 172 12.23 33.67 15.42
CA ASP A 172 12.90 34.20 14.23
C ASP A 172 13.08 32.98 13.35
N PRO A 173 11.97 32.44 12.85
CA PRO A 173 11.89 31.27 11.98
C PRO A 173 12.49 31.30 10.59
N TYR A 174 13.13 30.21 10.23
CA TYR A 174 13.68 30.03 8.88
C TYR A 174 13.52 28.54 8.58
N VAL A 175 13.47 28.19 7.31
CA VAL A 175 13.26 26.82 6.92
C VAL A 175 14.37 26.30 6.03
N LYS A 176 14.78 25.05 6.26
CA LYS A 176 15.79 24.48 5.40
C LYS A 176 15.29 23.15 4.85
N ILE A 177 15.70 22.83 3.63
CA ILE A 177 15.29 21.61 2.95
C ILE A 177 16.48 20.67 2.77
N HIS A 178 16.22 19.37 2.96
CA HIS A 178 17.26 18.35 2.80
C HIS A 178 16.83 17.32 1.79
N LEU A 179 17.53 17.25 0.66
CA LEU A 179 17.23 16.24 -0.34
C LEU A 179 18.02 15.03 0.09
N MET A 180 17.34 13.92 0.36
CA MET A 180 18.02 12.71 0.82
C MET A 180 17.72 11.50 -0.02
N GLN A 181 18.64 10.54 0.00
CA GLN A 181 18.47 9.28 -0.73
C GLN A 181 19.20 8.16 -0.02
N ASN A 182 18.43 7.21 0.50
CA ASN A 182 19.02 6.07 1.20
C ASN A 182 19.84 6.56 2.40
N GLY A 183 19.24 7.43 3.20
CA GLY A 183 19.93 7.95 4.37
C GLY A 183 21.09 8.88 4.06
N LYS A 184 21.37 9.11 2.78
CA LYS A 184 22.47 9.98 2.38
C LYS A 184 21.99 11.38 1.98
N ARG A 185 22.60 12.40 2.56
CA ARG A 185 22.24 13.78 2.27
C ARG A 185 22.80 14.22 0.91
N LEU A 186 21.91 14.48 -0.04
CA LEU A 186 22.29 14.88 -1.40
C LEU A 186 22.38 16.39 -1.62
N LYS A 187 21.49 17.15 -1.00
CA LYS A 187 21.49 18.60 -1.17
C LYS A 187 20.89 19.34 0.02
N LYS A 188 21.21 20.62 0.13
CA LYS A 188 20.71 21.45 1.21
C LYS A 188 20.27 22.79 0.65
N LYS A 189 19.29 23.39 1.30
CA LYS A 189 18.77 24.68 0.88
C LYS A 189 18.28 25.35 2.16
N LYS A 190 18.25 26.66 2.16
CA LYS A 190 17.81 27.40 3.33
C LYS A 190 17.09 28.67 2.90
N THR A 191 15.98 28.98 3.56
CA THR A 191 15.22 30.18 3.23
C THR A 191 15.85 31.36 3.94
N THR A 192 15.35 32.55 3.67
CA THR A 192 15.86 33.73 4.34
C THR A 192 15.29 33.62 5.76
N ILE A 193 15.65 34.55 6.64
CA ILE A 193 15.15 34.50 8.00
C ILE A 193 14.13 35.61 8.25
N LYS A 194 13.00 35.25 8.87
CA LYS A 194 11.97 36.22 9.19
C LYS A 194 12.12 36.42 10.69
N LYS A 195 12.03 37.65 11.16
CA LYS A 195 12.21 37.91 12.58
C LYS A 195 10.95 38.33 13.34
N ASN A 196 10.87 37.90 14.59
CA ASN A 196 9.75 38.22 15.47
C ASN A 196 8.40 37.89 14.85
N THR A 197 8.10 36.59 14.74
CA THR A 197 6.85 36.15 14.15
C THR A 197 6.61 34.65 14.36
N LEU A 198 5.35 34.27 14.38
CA LEU A 198 5.00 32.86 14.55
C LEU A 198 4.28 32.42 13.28
N ASN A 199 4.06 33.37 12.38
CA ASN A 199 3.38 33.12 11.12
C ASN A 199 4.15 33.76 9.95
N PRO A 200 5.39 33.29 9.72
CA PRO A 200 6.22 33.82 8.64
C PRO A 200 5.70 33.46 7.25
N TYR A 201 5.95 34.35 6.29
CA TYR A 201 5.53 34.14 4.92
C TYR A 201 6.81 34.16 4.09
N TYR A 202 7.08 33.09 3.36
CA TYR A 202 8.31 33.02 2.58
C TYR A 202 8.10 33.09 1.08
N ASN A 203 7.41 32.09 0.54
CA ASN A 203 7.17 31.99 -0.89
C ASN A 203 8.52 31.97 -1.60
N GLU A 204 9.42 31.11 -1.11
CA GLU A 204 10.74 30.97 -1.69
C GLU A 204 10.83 29.62 -2.37
N SER A 205 11.25 29.63 -3.62
CA SER A 205 11.36 28.43 -4.44
C SER A 205 12.76 27.87 -4.53
N PHE A 206 12.87 26.54 -4.59
CA PHE A 206 14.16 25.85 -4.71
C PHE A 206 14.01 24.69 -5.67
N SER A 207 15.10 24.33 -6.36
CA SER A 207 15.06 23.22 -7.29
C SER A 207 16.17 22.21 -7.10
N PHE A 208 15.91 20.98 -7.52
CA PHE A 208 16.88 19.91 -7.42
C PHE A 208 16.86 19.11 -8.71
N GLU A 209 17.96 18.47 -9.02
CA GLU A 209 18.02 17.66 -10.21
C GLU A 209 17.88 16.20 -9.77
N VAL A 210 16.70 15.65 -10.03
CA VAL A 210 16.43 14.28 -9.67
C VAL A 210 15.90 13.57 -10.90
N PRO A 211 16.77 12.81 -11.59
CA PRO A 211 16.35 12.09 -12.80
C PRO A 211 15.20 11.13 -12.51
N PHE A 212 14.32 10.98 -13.48
CA PHE A 212 13.16 10.11 -13.33
C PHE A 212 13.47 8.75 -12.71
N GLU A 213 14.66 8.22 -12.98
CA GLU A 213 15.04 6.90 -12.44
C GLU A 213 15.40 6.95 -10.96
N GLN A 214 15.29 8.11 -10.34
CA GLN A 214 15.61 8.23 -8.92
C GLN A 214 14.48 8.80 -8.07
N ILE A 215 13.67 9.67 -8.66
CA ILE A 215 12.58 10.32 -7.93
C ILE A 215 11.86 9.41 -6.95
N GLN A 216 11.72 8.14 -7.33
CA GLN A 216 11.03 7.17 -6.51
C GLN A 216 11.78 6.73 -5.25
N LYS A 217 13.03 7.15 -5.09
CA LYS A 217 13.83 6.74 -3.92
C LYS A 217 14.29 7.87 -3.02
N VAL A 218 14.04 9.11 -3.42
CA VAL A 218 14.48 10.25 -2.61
C VAL A 218 13.49 10.61 -1.50
N GLN A 219 13.93 11.53 -0.65
CA GLN A 219 13.12 12.01 0.46
C GLN A 219 13.42 13.50 0.61
N VAL A 220 12.37 14.29 0.76
CA VAL A 220 12.55 15.72 0.93
C VAL A 220 12.20 16.02 2.37
N VAL A 221 13.20 16.44 3.13
CA VAL A 221 12.98 16.75 4.55
C VAL A 221 12.89 18.25 4.76
N VAL A 222 11.78 18.70 5.33
CA VAL A 222 11.58 20.12 5.59
C VAL A 222 11.60 20.39 7.10
N THR A 223 12.54 21.22 7.52
CA THR A 223 12.68 21.57 8.94
C THR A 223 12.56 23.06 9.19
N VAL A 224 11.84 23.41 10.24
CA VAL A 224 11.66 24.82 10.61
C VAL A 224 12.45 25.06 11.89
N LEU A 225 13.41 25.99 11.83
CA LEU A 225 14.22 26.30 13.00
C LEU A 225 14.16 27.78 13.37
N ASP A 226 14.53 28.08 14.62
CA ASP A 226 14.56 29.46 15.10
C ASP A 226 15.98 30.00 15.06
N TYR A 227 16.14 31.15 14.40
CA TYR A 227 17.45 31.76 14.31
C TYR A 227 17.82 32.46 15.61
N ASP A 228 19.03 32.20 16.08
CA ASP A 228 19.55 32.80 17.31
C ASP A 228 20.99 33.24 17.00
N LYS A 229 21.21 34.56 17.00
CA LYS A 229 22.53 35.13 16.72
C LYS A 229 23.59 34.63 17.69
N ILE A 230 23.37 34.89 18.98
CA ILE A 230 24.30 34.45 20.01
C ILE A 230 23.78 33.12 20.58
N GLY A 231 24.11 32.03 19.90
CA GLY A 231 23.68 30.73 20.37
C GLY A 231 23.23 29.76 19.30
N LYS A 232 22.82 28.58 19.74
CA LYS A 232 22.38 27.51 18.86
C LYS A 232 21.00 27.78 18.26
N ASN A 233 20.85 27.42 16.99
CA ASN A 233 19.58 27.58 16.28
C ASN A 233 18.81 26.28 16.49
N ASP A 234 17.83 26.32 17.39
CA ASP A 234 17.04 25.14 17.71
C ASP A 234 15.86 24.93 16.77
N ALA A 235 15.74 23.71 16.26
CA ALA A 235 14.66 23.38 15.37
C ALA A 235 13.37 23.35 16.17
N ILE A 236 12.29 23.80 15.57
CA ILE A 236 11.01 23.80 16.27
C ILE A 236 10.22 22.56 15.84
N GLY A 237 10.53 22.05 14.65
CA GLY A 237 9.85 20.86 14.17
C GLY A 237 10.17 20.54 12.72
N LYS A 238 9.79 19.35 12.26
CA LYS A 238 10.05 18.96 10.88
C LYS A 238 9.01 17.99 10.34
N VAL A 239 9.15 17.68 9.06
CA VAL A 239 8.25 16.78 8.36
C VAL A 239 8.97 16.35 7.09
N PHE A 240 8.65 15.18 6.56
CA PHE A 240 9.31 14.75 5.32
C PHE A 240 8.35 14.04 4.38
N VAL A 241 8.65 14.09 3.10
CA VAL A 241 7.81 13.44 2.09
C VAL A 241 8.66 12.63 1.14
N GLY A 242 8.04 11.64 0.50
CA GLY A 242 8.75 10.79 -0.44
C GLY A 242 8.81 9.36 0.02
N TYR A 243 9.92 8.70 -0.26
CA TYR A 243 10.11 7.31 0.10
C TYR A 243 9.91 7.00 1.60
N ASN A 244 8.99 6.08 1.88
CA ASN A 244 8.70 5.68 3.25
C ASN A 244 7.89 6.68 4.05
N SER A 245 7.42 7.72 3.39
CA SER A 245 6.61 8.70 4.12
C SER A 245 5.23 8.06 4.27
N THR A 246 4.42 8.59 5.17
CA THR A 246 3.10 7.99 5.37
C THR A 246 1.98 9.01 5.37
N GLY A 247 0.75 8.51 5.53
CA GLY A 247 -0.43 9.36 5.55
C GLY A 247 -0.39 10.62 4.70
N ALA A 248 -0.71 11.76 5.30
CA ALA A 248 -0.74 13.01 4.60
C ALA A 248 0.54 13.30 3.80
N GLU A 249 1.69 12.98 4.37
CA GLU A 249 2.96 13.25 3.69
C GLU A 249 3.09 12.41 2.43
N LEU A 250 2.64 11.17 2.50
CA LEU A 250 2.72 10.28 1.34
C LEU A 250 1.72 10.73 0.29
N ARG A 251 0.57 11.25 0.71
CA ARG A 251 -0.46 11.71 -0.22
C ARG A 251 0.07 12.91 -1.00
N HIS A 252 0.76 13.81 -0.29
CA HIS A 252 1.32 15.00 -0.92
C HIS A 252 2.27 14.55 -2.02
N TRP A 253 3.19 13.67 -1.65
CA TRP A 253 4.17 13.16 -2.59
C TRP A 253 3.52 12.44 -3.78
N SER A 254 2.53 11.62 -3.49
CA SER A 254 1.85 10.91 -4.55
C SER A 254 1.16 11.88 -5.50
N ASP A 255 0.42 12.86 -4.94
CA ASP A 255 -0.28 13.82 -5.78
C ASP A 255 0.68 14.52 -6.73
N MET A 256 1.88 14.81 -6.23
CA MET A 256 2.89 15.47 -7.05
C MET A 256 3.19 14.58 -8.26
N LEU A 257 3.45 13.30 -8.01
CA LEU A 257 3.74 12.38 -9.10
C LEU A 257 2.54 12.17 -10.04
N ALA A 258 1.33 12.27 -9.53
CA ALA A 258 0.14 12.07 -10.35
C ALA A 258 -0.17 13.27 -11.25
N ASN A 259 0.32 14.44 -10.86
CA ASN A 259 0.08 15.65 -11.64
C ASN A 259 1.39 16.25 -12.11
N PRO A 260 2.08 15.59 -13.04
CA PRO A 260 3.35 16.15 -13.50
C PRO A 260 3.23 17.59 -13.99
N ARG A 261 4.32 18.34 -13.83
CA ARG A 261 4.36 19.73 -14.25
C ARG A 261 3.48 20.71 -13.48
N ARG A 262 2.74 20.21 -12.50
CA ARG A 262 1.88 21.09 -11.71
C ARG A 262 2.33 21.17 -10.27
N PRO A 263 2.33 22.38 -9.69
CA PRO A 263 2.74 22.52 -8.29
C PRO A 263 1.59 22.22 -7.34
N ILE A 264 1.74 21.17 -6.52
CA ILE A 264 0.71 20.80 -5.55
C ILE A 264 1.07 21.39 -4.20
N ALA A 265 0.23 22.26 -3.66
CA ALA A 265 0.49 22.88 -2.36
C ALA A 265 -0.29 22.18 -1.25
N GLN A 266 0.31 22.09 -0.06
CA GLN A 266 -0.35 21.44 1.06
C GLN A 266 0.25 21.80 2.42
N TRP A 267 -0.60 21.89 3.44
CA TRP A 267 -0.15 22.20 4.79
C TRP A 267 0.23 20.91 5.52
N HIS A 268 1.29 20.97 6.31
CA HIS A 268 1.70 19.82 7.10
C HIS A 268 1.91 20.20 8.55
N THR A 269 1.57 19.28 9.43
CA THR A 269 1.74 19.48 10.85
C THR A 269 3.16 19.10 11.22
N LEU A 270 3.91 20.04 11.79
CA LEU A 270 5.29 19.78 12.20
C LEU A 270 5.31 18.78 13.35
N GLN A 271 6.31 17.90 13.34
CA GLN A 271 6.48 16.88 14.36
C GLN A 271 7.83 17.07 15.04
N VAL A 272 8.00 16.51 16.24
CA VAL A 272 9.27 16.66 16.94
C VAL A 272 10.39 16.06 16.14
N GLU A 273 11.48 16.81 16.03
CA GLU A 273 12.64 16.38 15.29
C GLU A 273 13.10 14.96 15.58
N GLU A 274 13.09 14.58 16.85
CA GLU A 274 13.55 13.26 17.25
C GLU A 274 12.75 12.09 16.68
N GLU A 275 11.43 12.17 16.70
CA GLU A 275 10.62 11.07 16.18
C GLU A 275 10.59 11.00 14.64
N VAL A 276 10.79 12.13 13.97
CA VAL A 276 10.78 12.11 12.52
C VAL A 276 12.09 11.48 12.05
N ASP A 277 13.16 11.76 12.78
CA ASP A 277 14.47 11.22 12.46
C ASP A 277 14.48 9.69 12.58
N ALA A 278 13.72 9.17 13.53
CA ALA A 278 13.63 7.74 13.74
C ALA A 278 12.93 7.07 12.55
N MET A 279 12.01 7.79 11.92
CA MET A 279 11.28 7.25 10.77
C MET A 279 12.12 7.31 9.51
N LEU A 280 13.10 8.24 9.49
CA LEU A 280 14.01 8.40 8.37
C LEU A 280 15.19 7.45 8.58
N ALA A 281 15.30 6.92 9.80
CA ALA A 281 16.37 6.00 10.15
C ALA A 281 16.36 4.75 9.28
N GLU B 3 -16.60 3.38 -27.92
CA GLU B 3 -17.01 2.71 -26.64
C GLU B 3 -16.29 3.30 -25.43
N LYS B 4 -17.06 3.87 -24.51
CA LYS B 4 -16.54 4.51 -23.31
C LYS B 4 -16.15 3.51 -22.22
N LEU B 5 -14.84 3.39 -21.99
CA LEU B 5 -14.34 2.45 -21.00
C LEU B 5 -13.42 3.09 -19.98
N GLY B 6 -13.27 4.41 -20.03
CA GLY B 6 -12.41 5.07 -19.07
C GLY B 6 -10.98 5.32 -19.53
N LYS B 7 -10.22 6.01 -18.70
CA LYS B 7 -8.83 6.34 -19.01
C LYS B 7 -7.83 5.74 -18.03
N LEU B 8 -6.59 5.61 -18.49
CA LEU B 8 -5.51 5.08 -17.69
C LEU B 8 -4.32 6.04 -17.82
N GLN B 9 -3.71 6.40 -16.70
CA GLN B 9 -2.55 7.27 -16.73
C GLN B 9 -1.37 6.38 -16.42
N TYR B 10 -0.37 6.38 -17.29
CA TYR B 10 0.79 5.55 -17.07
C TYR B 10 2.09 6.28 -17.41
N SER B 11 3.21 5.69 -17.01
CA SER B 11 4.50 6.26 -17.30
C SER B 11 5.33 5.14 -17.92
N LEU B 12 6.21 5.51 -18.84
CA LEU B 12 7.07 4.55 -19.51
C LEU B 12 8.45 5.17 -19.68
N ASP B 13 9.47 4.42 -19.32
CA ASP B 13 10.82 4.95 -19.42
C ASP B 13 11.84 3.83 -19.44
N TYR B 14 12.89 3.99 -20.24
CA TYR B 14 13.91 2.97 -20.29
C TYR B 14 15.11 3.45 -19.50
N ASP B 15 15.50 2.67 -18.51
CA ASP B 15 16.64 3.00 -17.66
C ASP B 15 17.91 2.35 -18.20
N PHE B 16 18.60 3.08 -19.09
CA PHE B 16 19.83 2.59 -19.70
C PHE B 16 20.91 2.20 -18.69
N GLN B 17 20.80 2.71 -17.48
CA GLN B 17 21.77 2.40 -16.43
C GLN B 17 21.68 0.95 -16.01
N ASN B 18 20.47 0.53 -15.65
CA ASN B 18 20.25 -0.85 -15.21
C ASN B 18 19.63 -1.73 -16.27
N ASN B 19 19.59 -1.23 -17.50
CA ASN B 19 19.03 -1.99 -18.61
C ASN B 19 17.73 -2.66 -18.23
N GLN B 20 16.73 -1.84 -17.94
CA GLN B 20 15.42 -2.33 -17.56
C GLN B 20 14.36 -1.30 -17.94
N LEU B 21 13.18 -1.80 -18.29
CA LEU B 21 12.07 -0.95 -18.67
C LEU B 21 11.25 -0.64 -17.40
N LEU B 22 10.94 0.64 -17.21
CA LEU B 22 10.17 1.08 -16.05
C LEU B 22 8.74 1.44 -16.44
N VAL B 23 7.77 0.73 -15.87
CA VAL B 23 6.38 0.98 -16.17
C VAL B 23 5.67 1.49 -14.92
N GLY B 24 4.99 2.63 -15.04
CA GLY B 24 4.28 3.19 -13.92
C GLY B 24 2.78 3.19 -14.16
N ILE B 25 2.00 2.63 -13.23
CA ILE B 25 0.56 2.63 -13.33
C ILE B 25 0.12 3.66 -12.30
N ILE B 26 -0.16 4.89 -12.76
CA ILE B 26 -0.56 5.96 -11.85
C ILE B 26 -2.00 5.91 -11.37
N GLN B 27 -2.93 5.88 -12.32
CA GLN B 27 -4.35 5.88 -11.98
C GLN B 27 -5.24 5.66 -13.19
N ALA B 28 -6.51 5.39 -12.94
CA ALA B 28 -7.48 5.19 -13.99
C ALA B 28 -8.65 6.10 -13.64
N ALA B 29 -9.37 6.57 -14.64
CA ALA B 29 -10.51 7.45 -14.39
C ALA B 29 -11.72 7.04 -15.22
N GLU B 30 -12.90 7.40 -14.73
CA GLU B 30 -14.14 7.13 -15.42
C GLU B 30 -14.37 5.69 -15.87
N LEU B 31 -13.90 4.73 -15.08
CA LEU B 31 -14.13 3.32 -15.42
C LEU B 31 -15.63 3.16 -15.50
N PRO B 32 -16.13 2.40 -16.48
CA PRO B 32 -17.58 2.23 -16.59
C PRO B 32 -18.26 1.67 -15.35
N ALA B 33 -19.37 2.28 -14.97
CA ALA B 33 -20.12 1.82 -13.82
C ALA B 33 -20.71 0.48 -14.21
N LEU B 34 -20.02 -0.60 -13.85
CA LEU B 34 -20.48 -1.97 -14.21
C LEU B 34 -20.42 -3.00 -13.07
N ASP B 35 -20.36 -4.29 -13.45
CA ASP B 35 -20.33 -5.43 -12.51
C ASP B 35 -20.09 -5.15 -11.02
N MET B 36 -20.86 -5.82 -10.17
CA MET B 36 -20.76 -5.68 -8.72
C MET B 36 -21.56 -4.46 -8.19
N GLY B 37 -22.57 -4.03 -8.93
CA GLY B 37 -23.40 -2.91 -8.49
C GLY B 37 -22.99 -1.50 -8.87
N GLY B 38 -22.97 -0.61 -7.88
CA GLY B 38 -22.60 0.78 -8.13
C GLY B 38 -21.20 1.01 -8.70
N THR B 39 -20.23 0.20 -8.27
CA THR B 39 -18.86 0.36 -8.74
C THR B 39 -18.16 -0.95 -9.10
N SER B 40 -16.83 -0.94 -8.98
CA SER B 40 -15.98 -2.08 -9.29
C SER B 40 -14.82 -2.12 -8.31
N ASP B 41 -14.08 -3.23 -8.33
CA ASP B 41 -12.91 -3.40 -7.48
C ASP B 41 -11.79 -3.59 -8.49
N PRO B 42 -11.36 -2.49 -9.11
CA PRO B 42 -10.30 -2.51 -10.13
C PRO B 42 -8.87 -2.73 -9.71
N TYR B 43 -8.13 -3.35 -10.62
CA TYR B 43 -6.71 -3.56 -10.47
C TYR B 43 -6.14 -3.74 -11.87
N VAL B 44 -4.84 -3.57 -12.02
CA VAL B 44 -4.22 -3.67 -13.33
C VAL B 44 -3.16 -4.75 -13.40
N LYS B 45 -3.19 -5.53 -14.48
CA LYS B 45 -2.19 -6.55 -14.74
C LYS B 45 -1.25 -5.92 -15.77
N VAL B 46 0.05 -6.06 -15.54
CA VAL B 46 1.03 -5.47 -16.43
C VAL B 46 1.98 -6.52 -16.93
N PHE B 47 2.11 -6.64 -18.25
CA PHE B 47 3.03 -7.60 -18.81
C PHE B 47 3.57 -7.16 -20.17
N LEU B 48 4.74 -7.69 -20.49
CA LEU B 48 5.44 -7.40 -21.73
C LEU B 48 5.30 -8.55 -22.74
N LEU B 49 4.46 -8.39 -23.75
CA LEU B 49 4.33 -9.45 -24.77
C LEU B 49 5.66 -9.50 -25.56
N PRO B 50 6.01 -10.67 -26.11
CA PRO B 50 5.28 -11.94 -26.06
C PRO B 50 5.62 -12.87 -24.90
N ASP B 51 6.01 -12.31 -23.75
CA ASP B 51 6.33 -13.15 -22.60
C ASP B 51 5.03 -13.88 -22.27
N LYS B 52 4.01 -13.14 -21.88
CA LYS B 52 2.71 -13.74 -21.59
C LYS B 52 2.73 -14.60 -20.34
N LYS B 53 3.90 -15.09 -19.97
CA LYS B 53 4.05 -15.94 -18.79
C LYS B 53 4.27 -15.16 -17.51
N LYS B 54 4.81 -13.95 -17.61
CA LYS B 54 5.08 -13.15 -16.42
C LYS B 54 4.23 -11.90 -16.35
N LYS B 55 3.33 -11.84 -15.37
CA LYS B 55 2.48 -10.68 -15.22
C LYS B 55 2.66 -10.09 -13.85
N PHE B 56 2.38 -8.80 -13.72
CA PHE B 56 2.47 -8.14 -12.43
C PHE B 56 1.06 -7.64 -12.16
N GLU B 57 0.76 -7.34 -10.90
CA GLU B 57 -0.56 -6.85 -10.54
C GLU B 57 -0.47 -5.71 -9.55
N THR B 58 -1.38 -4.77 -9.68
CA THR B 58 -1.43 -3.66 -8.75
C THR B 58 -2.28 -4.17 -7.61
N LYS B 59 -2.36 -3.39 -6.54
CA LYS B 59 -3.19 -3.76 -5.42
C LYS B 59 -4.63 -3.65 -5.96
N VAL B 60 -5.57 -4.42 -5.41
CA VAL B 60 -6.93 -4.32 -5.87
C VAL B 60 -7.56 -3.15 -5.10
N HIS B 61 -8.19 -2.22 -5.80
CA HIS B 61 -8.81 -1.10 -5.11
C HIS B 61 -10.30 -1.36 -4.95
N ARG B 62 -10.83 -1.03 -3.78
CA ARG B 62 -12.22 -1.29 -3.48
C ARG B 62 -13.25 -0.24 -3.84
N LYS B 63 -14.38 -0.71 -4.37
CA LYS B 63 -15.53 0.12 -4.75
C LYS B 63 -15.19 1.50 -5.33
N THR B 64 -14.68 1.54 -6.55
CA THR B 64 -14.30 2.81 -7.16
C THR B 64 -14.21 2.76 -8.67
N LEU B 65 -14.44 3.89 -9.32
CA LEU B 65 -14.36 3.98 -10.77
C LEU B 65 -13.19 4.92 -11.11
N ASN B 66 -12.51 5.41 -10.09
CA ASN B 66 -11.38 6.32 -10.28
C ASN B 66 -10.25 5.97 -9.33
N PRO B 67 -9.63 4.80 -9.52
CA PRO B 67 -8.54 4.35 -8.66
C PRO B 67 -7.20 5.04 -8.88
N VAL B 68 -6.54 5.39 -7.78
CA VAL B 68 -5.23 5.99 -7.86
C VAL B 68 -4.27 4.92 -7.32
N PHE B 69 -3.43 4.37 -8.20
CA PHE B 69 -2.50 3.31 -7.83
C PHE B 69 -1.10 3.75 -7.36
N ASN B 70 -0.45 4.62 -8.12
CA ASN B 70 0.90 5.07 -7.78
C ASN B 70 1.86 3.86 -7.68
N GLU B 71 1.69 2.89 -8.57
CA GLU B 71 2.56 1.71 -8.56
C GLU B 71 3.59 1.66 -9.70
N GLN B 72 4.75 1.09 -9.39
CA GLN B 72 5.87 0.98 -10.33
C GLN B 72 6.23 -0.47 -10.60
N PHE B 73 6.55 -0.80 -11.85
CA PHE B 73 6.94 -2.16 -12.19
C PHE B 73 8.21 -2.13 -13.04
N THR B 74 8.92 -3.24 -13.07
CA THR B 74 10.18 -3.34 -13.80
C THR B 74 10.32 -4.57 -14.68
N PHE B 75 10.80 -4.37 -15.90
CA PHE B 75 11.04 -5.46 -16.85
C PHE B 75 12.50 -5.42 -17.31
N LYS B 76 13.32 -6.35 -16.84
CA LYS B 76 14.72 -6.40 -17.25
C LYS B 76 14.79 -6.92 -18.67
N VAL B 77 15.02 -6.00 -19.60
CA VAL B 77 15.11 -6.33 -21.00
C VAL B 77 16.21 -5.49 -21.64
N PRO B 78 17.12 -6.13 -22.38
CA PRO B 78 18.21 -5.39 -23.04
C PRO B 78 17.59 -4.44 -24.05
N TYR B 79 18.11 -3.22 -24.13
CA TYR B 79 17.58 -2.25 -25.07
C TYR B 79 17.47 -2.79 -26.49
N SER B 80 18.45 -3.60 -26.90
CA SER B 80 18.48 -4.21 -28.22
C SER B 80 17.54 -5.42 -28.38
N GLU B 81 16.66 -5.64 -27.41
CA GLU B 81 15.73 -6.76 -27.51
C GLU B 81 14.33 -6.22 -27.29
N LEU B 82 14.21 -4.91 -27.40
CA LEU B 82 12.94 -4.23 -27.18
C LEU B 82 12.00 -4.37 -28.36
N ALA B 83 12.55 -4.36 -29.57
CA ALA B 83 11.73 -4.50 -30.76
C ALA B 83 10.98 -5.82 -30.74
N GLY B 84 9.70 -5.78 -31.13
CA GLY B 84 8.92 -7.00 -31.14
C GLY B 84 8.16 -7.21 -29.85
N LYS B 85 8.35 -6.31 -28.89
CA LYS B 85 7.67 -6.41 -27.62
C LYS B 85 6.55 -5.38 -27.47
N THR B 86 5.48 -5.77 -26.79
CA THR B 86 4.36 -4.86 -26.58
C THR B 86 3.96 -4.83 -25.11
N LEU B 87 3.86 -3.63 -24.56
CA LEU B 87 3.44 -3.46 -23.17
C LEU B 87 1.91 -3.56 -23.08
N VAL B 88 1.42 -4.42 -22.20
CA VAL B 88 -0.01 -4.59 -22.05
C VAL B 88 -0.46 -4.19 -20.65
N MET B 89 -1.40 -3.26 -20.58
CA MET B 89 -1.93 -2.82 -19.30
C MET B 89 -3.44 -3.06 -19.35
N ALA B 90 -3.85 -4.14 -18.68
CA ALA B 90 -5.24 -4.53 -18.66
C ALA B 90 -5.87 -4.24 -17.29
N VAL B 91 -6.99 -3.53 -17.31
CA VAL B 91 -7.71 -3.19 -16.08
C VAL B 91 -8.80 -4.24 -15.83
N TYR B 92 -8.61 -5.03 -14.77
CA TYR B 92 -9.59 -6.07 -14.42
C TYR B 92 -10.51 -5.64 -13.29
N ASP B 93 -11.64 -6.32 -13.17
CA ASP B 93 -12.59 -6.03 -12.09
C ASP B 93 -12.50 -7.27 -11.22
N PHE B 94 -12.13 -7.08 -9.97
CA PHE B 94 -12.00 -8.20 -9.04
C PHE B 94 -13.28 -8.94 -8.68
N ASP B 95 -13.19 -10.26 -8.64
CA ASP B 95 -14.29 -11.13 -8.25
C ASP B 95 -13.68 -12.41 -7.68
N ARG B 96 -14.35 -13.04 -6.72
CA ARG B 96 -13.83 -14.25 -6.12
C ARG B 96 -14.08 -15.49 -6.97
N PHE B 97 -14.73 -15.29 -8.10
CA PHE B 97 -15.00 -16.40 -8.98
C PHE B 97 -13.94 -16.37 -10.06
N SER B 98 -14.04 -17.21 -11.08
CA SER B 98 -12.98 -17.17 -12.07
C SER B 98 -13.38 -16.41 -13.33
N LYS B 99 -14.07 -15.29 -13.13
CA LYS B 99 -14.53 -14.46 -14.24
C LYS B 99 -13.41 -13.88 -15.11
N HIS B 100 -12.29 -13.49 -14.50
CA HIS B 100 -11.17 -12.95 -15.26
C HIS B 100 -11.78 -11.86 -16.18
N ASP B 101 -12.61 -11.01 -15.60
CA ASP B 101 -13.28 -9.96 -16.35
C ASP B 101 -12.47 -8.69 -16.57
N ILE B 102 -12.19 -8.39 -17.83
CA ILE B 102 -11.40 -7.22 -18.19
C ILE B 102 -12.27 -6.00 -18.50
N ILE B 103 -12.13 -4.95 -17.72
CA ILE B 103 -12.89 -3.73 -17.94
C ILE B 103 -12.49 -3.11 -19.28
N GLY B 104 -11.19 -2.99 -19.48
CA GLY B 104 -10.64 -2.42 -20.71
C GLY B 104 -9.13 -2.54 -20.65
N GLU B 105 -8.44 -2.23 -21.75
CA GLU B 105 -6.98 -2.32 -21.76
C GLU B 105 -6.32 -1.32 -22.70
N PHE B 106 -5.01 -1.27 -22.63
CA PHE B 106 -4.23 -0.38 -23.48
C PHE B 106 -2.87 -1.00 -23.82
N LYS B 107 -2.63 -1.22 -25.10
CA LYS B 107 -1.37 -1.80 -25.54
C LYS B 107 -0.42 -0.71 -26.06
N VAL B 108 0.86 -0.91 -25.80
CA VAL B 108 1.87 0.03 -26.25
C VAL B 108 3.02 -0.70 -26.95
N PRO B 109 3.00 -0.77 -28.29
CA PRO B 109 4.06 -1.45 -29.03
C PRO B 109 5.34 -0.65 -28.84
N MET B 110 6.44 -1.33 -28.50
CA MET B 110 7.68 -0.61 -28.26
C MET B 110 8.09 0.27 -29.43
N ASN B 111 7.73 -0.14 -30.65
CA ASN B 111 8.08 0.66 -31.81
C ASN B 111 7.38 2.02 -31.87
N THR B 112 6.44 2.26 -30.97
CA THR B 112 5.70 3.53 -30.95
C THR B 112 6.19 4.41 -29.81
N VAL B 113 7.24 3.96 -29.13
CA VAL B 113 7.76 4.71 -27.99
C VAL B 113 9.04 5.45 -28.31
N ASP B 114 9.08 6.71 -27.91
CA ASP B 114 10.26 7.53 -28.08
C ASP B 114 10.99 7.49 -26.74
N PHE B 115 11.96 6.60 -26.63
CA PHE B 115 12.72 6.47 -25.39
C PHE B 115 13.61 7.69 -25.20
N GLY B 116 14.59 7.61 -24.32
CA GLY B 116 15.41 8.78 -24.10
C GLY B 116 14.49 10.01 -23.94
N HIS B 117 13.53 9.86 -23.04
CA HIS B 117 12.54 10.89 -22.74
C HIS B 117 11.44 10.14 -22.00
N VAL B 118 10.95 10.71 -20.91
CA VAL B 118 9.93 10.03 -20.12
C VAL B 118 8.52 10.18 -20.65
N THR B 119 7.88 9.05 -20.86
CA THR B 119 6.52 9.03 -21.35
C THR B 119 5.57 8.94 -20.15
N GLU B 120 4.63 9.86 -20.09
CA GLU B 120 3.67 9.89 -19.00
C GLU B 120 2.42 10.55 -19.56
N GLU B 121 1.34 9.77 -19.67
CA GLU B 121 0.12 10.31 -20.23
C GLU B 121 -1.12 9.49 -19.91
N TRP B 122 -2.25 9.99 -20.40
CA TRP B 122 -3.55 9.33 -20.25
C TRP B 122 -3.89 8.80 -21.63
N ARG B 123 -4.57 7.66 -21.69
CA ARG B 123 -4.98 7.07 -22.95
C ARG B 123 -6.27 6.30 -22.66
N ASP B 124 -7.23 6.39 -23.58
CA ASP B 124 -8.50 5.70 -23.39
C ASP B 124 -8.33 4.19 -23.43
N LEU B 125 -9.08 3.50 -22.58
CA LEU B 125 -9.03 2.04 -22.52
C LEU B 125 -9.81 1.46 -23.69
N GLN B 126 -9.30 0.37 -24.24
CA GLN B 126 -9.92 -0.28 -25.37
C GLN B 126 -10.60 -1.56 -24.96
N SER B 127 -11.58 -1.97 -25.77
CA SER B 127 -12.32 -3.19 -25.52
C SER B 127 -11.40 -4.40 -25.63
N ALA B 128 -11.72 -5.45 -24.87
CA ALA B 128 -10.95 -6.68 -24.87
C ALA B 128 -11.67 -7.71 -24.00
N GLU B 129 -11.88 -8.90 -24.54
CA GLU B 129 -12.54 -9.95 -23.79
C GLU B 129 -11.49 -10.85 -23.15
N LYS B 130 -10.69 -11.49 -24.00
CA LYS B 130 -9.63 -12.37 -23.54
C LYS B 130 -8.31 -11.63 -23.58
N GLU B 131 -7.42 -12.01 -22.67
CA GLU B 131 -6.09 -11.41 -22.63
C GLU B 131 -5.07 -12.50 -22.80
N GLU B 132 -4.00 -12.20 -23.51
CA GLU B 132 -2.96 -13.20 -23.73
C GLU B 132 -2.62 -13.84 -22.39
N GLN B 133 -2.95 -15.12 -22.25
CA GLN B 133 -2.72 -15.83 -21.00
C GLN B 133 -2.14 -17.23 -21.24
N GLU B 134 -1.25 -17.66 -20.36
CA GLU B 134 -0.66 -19.00 -20.43
C GLU B 134 -1.64 -19.89 -19.66
N LYS B 135 -2.29 -20.83 -20.34
CA LYS B 135 -3.28 -21.68 -19.70
C LYS B 135 -2.78 -22.84 -18.84
N LEU B 136 -2.99 -22.75 -17.53
CA LEU B 136 -2.56 -23.82 -16.61
C LEU B 136 -3.74 -24.26 -15.75
N GLY B 137 -4.79 -23.47 -15.74
CA GLY B 137 -5.96 -23.81 -14.96
C GLY B 137 -6.14 -22.93 -13.74
N ASP B 138 -7.21 -23.18 -13.00
CA ASP B 138 -7.51 -22.41 -11.81
C ASP B 138 -7.69 -23.33 -10.60
N ILE B 139 -7.27 -22.83 -9.44
CA ILE B 139 -7.36 -23.58 -8.19
C ILE B 139 -8.26 -22.77 -7.27
N CYS B 140 -9.14 -23.45 -6.54
CA CYS B 140 -10.05 -22.78 -5.64
C CYS B 140 -9.87 -23.27 -4.21
N PHE B 141 -9.58 -22.36 -3.29
CA PHE B 141 -9.42 -22.73 -1.89
C PHE B 141 -9.94 -21.66 -0.95
N SER B 142 -10.17 -22.03 0.30
CA SER B 142 -10.66 -21.08 1.28
C SER B 142 -9.63 -20.91 2.36
N LEU B 143 -9.62 -19.72 2.98
CA LEU B 143 -8.70 -19.42 4.07
C LEU B 143 -9.51 -18.95 5.26
N ARG B 144 -9.12 -19.43 6.45
CA ARG B 144 -9.80 -19.06 7.68
C ARG B 144 -8.75 -18.91 8.74
N TYR B 145 -8.87 -17.84 9.53
CA TYR B 145 -7.89 -17.59 10.58
C TYR B 145 -8.58 -17.21 11.87
N VAL B 146 -8.15 -17.84 12.96
CA VAL B 146 -8.69 -17.55 14.27
C VAL B 146 -7.57 -16.93 15.09
N PRO B 147 -7.59 -15.60 15.21
CA PRO B 147 -6.58 -14.84 15.94
C PRO B 147 -6.20 -15.40 17.30
N THR B 148 -7.18 -15.52 18.19
CA THR B 148 -6.94 -16.01 19.53
C THR B 148 -6.29 -17.40 19.56
N ALA B 149 -6.90 -18.35 18.86
CA ALA B 149 -6.37 -19.71 18.83
C ALA B 149 -5.09 -19.82 18.02
N GLY B 150 -4.82 -18.84 17.16
CA GLY B 150 -3.62 -18.89 16.33
C GLY B 150 -3.69 -20.08 15.36
N LYS B 151 -4.88 -20.32 14.83
CA LYS B 151 -5.10 -21.43 13.90
C LYS B 151 -5.46 -21.00 12.48
N LEU B 152 -4.59 -21.35 11.53
CA LEU B 152 -4.79 -21.03 10.12
C LEU B 152 -5.34 -22.26 9.41
N THR B 153 -6.48 -22.13 8.76
CA THR B 153 -7.08 -23.26 8.07
C THR B 153 -7.20 -23.04 6.58
N VAL B 154 -6.61 -23.93 5.79
CA VAL B 154 -6.66 -23.84 4.34
C VAL B 154 -7.43 -25.03 3.79
N VAL B 155 -8.52 -24.79 3.09
CA VAL B 155 -9.28 -25.90 2.53
C VAL B 155 -9.14 -25.91 1.01
N ILE B 156 -8.52 -26.94 0.47
CA ILE B 156 -8.37 -27.04 -0.98
C ILE B 156 -9.72 -27.53 -1.47
N LEU B 157 -10.46 -26.67 -2.15
CA LEU B 157 -11.79 -27.03 -2.64
C LEU B 157 -11.80 -27.78 -3.96
N GLU B 158 -11.31 -27.15 -5.01
CA GLU B 158 -11.31 -27.77 -6.33
C GLU B 158 -10.44 -27.04 -7.34
N ALA B 159 -10.30 -27.61 -8.52
CA ALA B 159 -9.51 -27.01 -9.59
C ALA B 159 -10.28 -27.21 -10.88
N LYS B 160 -9.91 -26.46 -11.92
CA LYS B 160 -10.60 -26.60 -13.19
C LYS B 160 -9.72 -26.13 -14.34
N ASN B 161 -9.95 -26.71 -15.50
CA ASN B 161 -9.20 -26.39 -16.72
C ASN B 161 -7.72 -26.64 -16.56
N LEU B 162 -7.37 -27.63 -15.74
CA LEU B 162 -5.97 -27.93 -15.56
C LEU B 162 -5.33 -28.33 -16.89
N LYS B 163 -4.04 -28.06 -17.01
CA LYS B 163 -3.27 -28.39 -18.20
C LYS B 163 -3.17 -29.91 -18.29
N LYS B 164 -3.13 -30.44 -19.51
CA LYS B 164 -3.00 -31.88 -19.72
C LYS B 164 -1.55 -32.32 -19.55
N MET B 165 -1.30 -33.15 -18.55
CA MET B 165 0.05 -33.62 -18.26
C MET B 165 0.32 -35.05 -18.70
N ASP B 166 -0.72 -35.73 -19.17
CA ASP B 166 -0.57 -37.10 -19.64
C ASP B 166 -0.86 -37.25 -21.13
N VAL B 167 0.09 -37.83 -21.86
CA VAL B 167 -0.07 -38.04 -23.30
C VAL B 167 -1.29 -38.89 -23.62
N GLY B 168 -2.06 -38.46 -24.62
CA GLY B 168 -3.25 -39.19 -25.00
C GLY B 168 -4.14 -39.38 -23.80
N GLY B 169 -4.21 -38.34 -22.96
CA GLY B 169 -5.04 -38.40 -21.78
C GLY B 169 -5.22 -37.03 -21.14
N LEU B 170 -5.57 -37.02 -19.86
CA LEU B 170 -5.77 -35.77 -19.14
C LEU B 170 -4.64 -35.54 -18.12
N SER B 171 -4.94 -35.71 -16.84
CA SER B 171 -3.95 -35.54 -15.78
C SER B 171 -4.38 -36.28 -14.52
N ASP B 172 -3.46 -36.40 -13.58
CA ASP B 172 -3.73 -37.08 -12.30
C ASP B 172 -3.28 -36.07 -11.26
N PRO B 173 -4.00 -34.94 -11.18
CA PRO B 173 -3.75 -33.82 -10.26
C PRO B 173 -3.89 -34.01 -8.77
N TYR B 174 -2.95 -33.42 -8.03
CA TYR B 174 -2.96 -33.42 -6.59
C TYR B 174 -2.38 -32.07 -6.19
N VAL B 175 -2.73 -31.60 -5.01
CA VAL B 175 -2.28 -30.30 -4.55
C VAL B 175 -1.53 -30.37 -3.23
N LYS B 176 -0.45 -29.60 -3.12
CA LYS B 176 0.27 -29.58 -1.87
C LYS B 176 0.45 -28.14 -1.40
N ILE B 177 0.41 -27.96 -0.09
CA ILE B 177 0.52 -26.65 0.53
C ILE B 177 1.83 -26.48 1.27
N HIS B 178 2.43 -25.30 1.16
CA HIS B 178 3.69 -25.01 1.83
C HIS B 178 3.55 -23.79 2.74
N LEU B 179 3.66 -23.99 4.04
CA LEU B 179 3.59 -22.88 4.96
C LEU B 179 5.02 -22.35 5.04
N MET B 180 5.23 -21.10 4.67
CA MET B 180 6.57 -20.53 4.68
C MET B 180 6.69 -19.26 5.49
N GLN B 181 7.90 -18.96 5.93
CA GLN B 181 8.16 -17.75 6.69
C GLN B 181 9.60 -17.31 6.48
N ASN B 182 9.76 -16.17 5.82
CA ASN B 182 11.10 -15.64 5.56
C ASN B 182 11.90 -16.63 4.73
N GLY B 183 11.29 -17.11 3.64
CA GLY B 183 11.98 -18.07 2.78
C GLY B 183 12.21 -19.43 3.39
N LYS B 184 11.80 -19.62 4.64
CA LYS B 184 11.96 -20.90 5.31
C LYS B 184 10.68 -21.74 5.31
N ARG B 185 10.81 -23.00 4.90
CA ARG B 185 9.67 -23.91 4.85
C ARG B 185 9.31 -24.42 6.24
N LEU B 186 8.13 -24.02 6.73
CA LEU B 186 7.67 -24.41 8.06
C LEU B 186 6.82 -25.67 8.12
N LYS B 187 5.98 -25.88 7.11
CA LYS B 187 5.12 -27.05 7.06
C LYS B 187 4.75 -27.47 5.66
N LYS B 188 4.33 -28.73 5.51
CA LYS B 188 3.93 -29.27 4.23
C LYS B 188 2.65 -30.07 4.40
N LYS B 189 1.84 -30.10 3.35
CA LYS B 189 0.59 -30.84 3.36
C LYS B 189 0.36 -31.27 1.93
N LYS B 190 -0.39 -32.35 1.75
CA LYS B 190 -0.65 -32.85 0.42
C LYS B 190 -2.05 -33.45 0.37
N THR B 191 -2.78 -33.18 -0.70
CA THR B 191 -4.13 -33.71 -0.84
C THR B 191 -4.02 -35.13 -1.40
N THR B 192 -5.15 -35.80 -1.50
CA THR B 192 -5.16 -37.13 -2.07
C THR B 192 -4.96 -36.90 -3.57
N ILE B 193 -4.86 -37.97 -4.35
CA ILE B 193 -4.67 -37.82 -5.78
C ILE B 193 -5.93 -38.21 -6.54
N LYS B 194 -6.32 -37.36 -7.50
CA LYS B 194 -7.49 -37.63 -8.32
C LYS B 194 -6.92 -38.05 -9.67
N LYS B 195 -7.47 -39.09 -10.28
CA LYS B 195 -6.93 -39.57 -11.55
C LYS B 195 -7.78 -39.33 -12.76
N ASN B 196 -7.12 -39.06 -13.88
CA ASN B 196 -7.78 -38.81 -15.16
C ASN B 196 -8.84 -37.72 -15.07
N THR B 197 -8.40 -36.48 -14.93
CA THR B 197 -9.31 -35.35 -14.82
C THR B 197 -8.58 -34.00 -14.92
N LEU B 198 -9.29 -32.99 -15.38
CA LEU B 198 -8.72 -31.66 -15.49
C LEU B 198 -9.51 -30.74 -14.56
N ASN B 199 -10.55 -31.32 -13.95
CA ASN B 199 -11.40 -30.58 -13.02
C ASN B 199 -11.63 -31.39 -11.74
N PRO B 200 -10.56 -31.65 -10.99
CA PRO B 200 -10.65 -32.42 -9.74
C PRO B 200 -11.39 -31.68 -8.63
N TYR B 201 -12.05 -32.44 -7.78
CA TYR B 201 -12.79 -31.86 -6.66
C TYR B 201 -12.18 -32.48 -5.41
N TYR B 202 -11.68 -31.66 -4.50
CA TYR B 202 -11.04 -32.19 -3.30
C TYR B 202 -11.81 -31.95 -2.01
N ASN B 203 -11.99 -30.69 -1.67
CA ASN B 203 -12.67 -30.30 -0.44
C ASN B 203 -11.93 -30.93 0.73
N GLU B 204 -10.62 -30.79 0.72
CA GLU B 204 -9.79 -31.33 1.79
C GLU B 204 -9.24 -30.18 2.63
N SER B 205 -9.44 -30.27 3.93
CA SER B 205 -9.02 -29.24 4.86
C SER B 205 -7.71 -29.54 5.58
N PHE B 206 -6.94 -28.49 5.84
CA PHE B 206 -5.65 -28.62 6.53
C PHE B 206 -5.49 -27.46 7.51
N SER B 207 -4.77 -27.67 8.60
CA SER B 207 -4.57 -26.62 9.58
C SER B 207 -3.11 -26.42 9.97
N PHE B 208 -2.78 -25.20 10.40
CA PHE B 208 -1.44 -24.87 10.83
C PHE B 208 -1.53 -24.04 12.08
N GLU B 209 -0.48 -24.09 12.90
CA GLU B 209 -0.47 -23.30 14.11
C GLU B 209 0.40 -22.08 13.84
N VAL B 210 -0.26 -20.94 13.68
CA VAL B 210 0.43 -19.69 13.41
C VAL B 210 -0.06 -18.67 14.43
N PRO B 211 0.73 -18.44 15.49
CA PRO B 211 0.35 -17.48 16.52
C PRO B 211 0.14 -16.08 15.94
N PHE B 212 -0.82 -15.36 16.49
CA PHE B 212 -1.13 -14.02 16.00
C PHE B 212 0.09 -13.13 15.74
N GLU B 213 1.15 -13.31 16.51
CA GLU B 213 2.36 -12.50 16.33
C GLU B 213 3.18 -12.91 15.13
N GLN B 214 2.70 -13.90 14.37
CA GLN B 214 3.43 -14.35 13.19
C GLN B 214 2.63 -14.30 11.90
N ILE B 215 1.31 -14.48 12.01
CA ILE B 215 0.44 -14.52 10.83
C ILE B 215 0.78 -13.46 9.77
N GLN B 216 1.25 -12.31 10.23
CA GLN B 216 1.58 -11.22 9.34
C GLN B 216 2.87 -11.41 8.54
N LYS B 217 3.61 -12.48 8.82
CA LYS B 217 4.88 -12.72 8.13
C LYS B 217 4.96 -14.01 7.33
N VAL B 218 3.95 -14.87 7.45
CA VAL B 218 3.97 -16.14 6.73
C VAL B 218 3.49 -16.02 5.29
N GLN B 219 3.63 -17.12 4.56
CA GLN B 219 3.20 -17.21 3.17
C GLN B 219 2.66 -18.61 2.96
N VAL B 220 1.51 -18.71 2.32
CA VAL B 220 0.92 -20.01 2.05
C VAL B 220 1.07 -20.25 0.57
N VAL B 221 1.88 -21.23 0.19
CA VAL B 221 2.09 -21.53 -1.22
C VAL B 221 1.28 -22.75 -1.65
N VAL B 222 0.44 -22.59 -2.65
CA VAL B 222 -0.39 -23.67 -3.14
C VAL B 222 0.05 -24.07 -4.55
N THR B 223 0.46 -25.34 -4.69
CA THR B 223 0.94 -25.86 -5.96
C THR B 223 0.14 -27.07 -6.42
N VAL B 224 -0.19 -27.10 -7.71
CA VAL B 224 -0.93 -28.21 -8.28
C VAL B 224 0.02 -28.99 -9.18
N LEU B 225 0.19 -30.28 -8.88
CA LEU B 225 1.09 -31.13 -9.66
C LEU B 225 0.37 -32.35 -10.21
N ASP B 226 0.97 -32.96 -11.22
CA ASP B 226 0.42 -34.17 -11.83
C ASP B 226 1.15 -35.39 -11.32
N TYR B 227 0.40 -36.35 -10.81
CA TYR B 227 1.00 -37.57 -10.29
C TYR B 227 1.40 -38.51 -11.43
N ASP B 228 2.62 -39.02 -11.35
CA ASP B 228 3.16 -39.94 -12.34
C ASP B 228 3.86 -41.05 -11.56
N LYS B 229 3.31 -42.27 -11.64
CA LYS B 229 3.86 -43.43 -10.95
C LYS B 229 5.29 -43.72 -11.36
N ILE B 230 5.49 -43.96 -12.65
CA ILE B 230 6.81 -44.22 -13.18
C ILE B 230 7.39 -42.92 -13.73
N GLY B 231 7.96 -42.12 -12.84
CA GLY B 231 8.54 -40.85 -13.27
C GLY B 231 8.32 -39.68 -12.34
N LYS B 232 8.85 -38.54 -12.75
CA LYS B 232 8.75 -37.30 -12.01
C LYS B 232 7.35 -36.69 -12.02
N ASN B 233 6.94 -36.16 -10.87
CA ASN B 233 5.64 -35.51 -10.74
C ASN B 233 5.87 -34.04 -11.06
N ASP B 234 5.47 -33.64 -12.26
CA ASP B 234 5.66 -32.27 -12.71
C ASP B 234 4.53 -31.34 -12.29
N ALA B 235 4.91 -30.21 -11.71
CA ALA B 235 3.94 -29.22 -11.27
C ALA B 235 3.31 -28.58 -12.50
N ILE B 236 2.02 -28.30 -12.44
CA ILE B 236 1.37 -27.68 -13.58
C ILE B 236 1.31 -26.17 -13.34
N GLY B 237 1.31 -25.77 -12.07
CA GLY B 237 1.27 -24.36 -11.74
C GLY B 237 1.13 -24.10 -10.24
N LYS B 238 1.31 -22.84 -9.83
CA LYS B 238 1.18 -22.51 -8.42
C LYS B 238 0.74 -21.07 -8.20
N VAL B 239 0.51 -20.74 -6.93
CA VAL B 239 0.06 -19.42 -6.52
C VAL B 239 0.33 -19.32 -5.03
N PHE B 240 0.55 -18.11 -4.53
CA PHE B 240 0.77 -17.96 -3.09
C PHE B 240 0.08 -16.73 -2.52
N VAL B 241 -0.23 -16.79 -1.23
CA VAL B 241 -0.89 -15.67 -0.56
C VAL B 241 -0.17 -15.35 0.74
N GLY B 242 -0.36 -14.13 1.22
CA GLY B 242 0.29 -13.71 2.45
C GLY B 242 1.29 -12.60 2.23
N TYR B 243 2.37 -12.63 3.00
CA TYR B 243 3.41 -11.62 2.94
C TYR B 243 4.01 -11.44 1.53
N ASN B 244 3.96 -10.21 1.04
CA ASN B 244 4.50 -9.88 -0.28
C ASN B 244 3.65 -10.36 -1.44
N SER B 245 2.47 -10.90 -1.16
CA SER B 245 1.63 -11.34 -2.27
C SER B 245 1.02 -10.07 -2.85
N THR B 246 0.48 -10.16 -4.06
CA THR B 246 -0.09 -8.97 -4.67
C THR B 246 -1.48 -9.21 -5.25
N GLY B 247 -2.06 -8.14 -5.79
CA GLY B 247 -3.38 -8.21 -6.39
C GLY B 247 -4.38 -9.15 -5.76
N ALA B 248 -4.98 -9.99 -6.59
CA ALA B 248 -5.98 -10.94 -6.13
C ALA B 248 -5.51 -11.78 -4.97
N GLU B 249 -4.26 -12.22 -4.98
CA GLU B 249 -3.75 -13.03 -3.89
C GLU B 249 -3.69 -12.26 -2.58
N LEU B 250 -3.28 -10.99 -2.65
CA LEU B 250 -3.20 -10.17 -1.46
C LEU B 250 -4.60 -9.86 -0.93
N ARG B 251 -5.56 -9.70 -1.84
CA ARG B 251 -6.94 -9.40 -1.44
C ARG B 251 -7.53 -10.61 -0.69
N HIS B 252 -7.23 -11.81 -1.17
CA HIS B 252 -7.71 -13.03 -0.54
C HIS B 252 -7.19 -13.05 0.88
N TRP B 253 -5.89 -12.88 1.03
CA TRP B 253 -5.25 -12.88 2.33
C TRP B 253 -5.80 -11.79 3.25
N SER B 254 -5.99 -10.59 2.70
CA SER B 254 -6.52 -9.51 3.51
C SER B 254 -7.94 -9.81 3.97
N ASP B 255 -8.79 -10.28 3.05
CA ASP B 255 -10.15 -10.60 3.42
C ASP B 255 -10.20 -11.59 4.56
N MET B 256 -9.28 -12.56 4.54
CA MET B 256 -9.21 -13.54 5.61
C MET B 256 -8.99 -12.83 6.93
N LEU B 257 -8.00 -11.93 6.96
CA LEU B 257 -7.70 -11.20 8.19
C LEU B 257 -8.81 -10.24 8.62
N ALA B 258 -9.58 -9.73 7.66
CA ALA B 258 -10.66 -8.81 7.97
C ALA B 258 -11.90 -9.53 8.52
N ASN B 259 -12.05 -10.82 8.21
CA ASN B 259 -13.19 -11.60 8.69
C ASN B 259 -12.73 -12.77 9.54
N PRO B 260 -12.22 -12.49 10.74
CA PRO B 260 -11.77 -13.60 11.58
C PRO B 260 -12.84 -14.67 11.79
N ARG B 261 -12.40 -15.91 11.96
CA ARG B 261 -13.29 -17.04 12.20
C ARG B 261 -14.16 -17.43 11.03
N ARG B 262 -14.05 -16.73 9.91
CA ARG B 262 -14.86 -17.08 8.74
C ARG B 262 -13.99 -17.56 7.58
N PRO B 263 -14.43 -18.63 6.89
CA PRO B 263 -13.66 -19.15 5.76
C PRO B 263 -13.95 -18.40 4.48
N ILE B 264 -12.96 -17.69 3.95
CA ILE B 264 -13.15 -16.94 2.71
C ILE B 264 -12.67 -17.77 1.54
N ALA B 265 -13.57 -18.09 0.61
CA ALA B 265 -13.20 -18.90 -0.55
C ALA B 265 -12.96 -18.04 -1.78
N GLN B 266 -12.03 -18.45 -2.62
CA GLN B 266 -11.72 -17.69 -3.82
C GLN B 266 -10.93 -18.48 -4.87
N TRP B 267 -11.21 -18.21 -6.13
CA TRP B 267 -10.51 -18.87 -7.23
C TRP B 267 -9.24 -18.11 -7.59
N HIS B 268 -8.17 -18.83 -7.90
CA HIS B 268 -6.93 -18.19 -8.32
C HIS B 268 -6.43 -18.79 -9.60
N THR B 269 -5.82 -17.95 -10.42
CA THR B 269 -5.25 -18.38 -11.68
C THR B 269 -3.85 -18.88 -11.41
N LEU B 270 -3.58 -20.13 -11.76
CA LEU B 270 -2.27 -20.72 -11.56
C LEU B 270 -1.26 -20.03 -12.47
N GLN B 271 -0.03 -19.86 -11.97
CA GLN B 271 1.05 -19.22 -12.72
C GLN B 271 2.21 -20.21 -12.85
N VAL B 272 3.11 -19.98 -13.80
CA VAL B 272 4.25 -20.89 -13.97
C VAL B 272 5.09 -20.93 -12.72
N GLU B 273 5.44 -22.13 -12.29
CA GLU B 273 6.23 -22.33 -11.10
C GLU B 273 7.47 -21.44 -11.01
N GLU B 274 8.17 -21.26 -12.14
CA GLU B 274 9.38 -20.47 -12.14
C GLU B 274 9.21 -19.00 -11.78
N GLU B 275 8.19 -18.34 -12.32
CA GLU B 275 8.01 -16.94 -12.02
C GLU B 275 7.44 -16.66 -10.63
N VAL B 276 6.70 -17.62 -10.08
CA VAL B 276 6.14 -17.45 -8.74
C VAL B 276 7.26 -17.58 -7.73
N ASP B 277 8.18 -18.49 -8.01
CA ASP B 277 9.32 -18.73 -7.14
C ASP B 277 10.21 -17.49 -7.06
N ALA B 278 10.30 -16.75 -8.16
CA ALA B 278 11.10 -15.54 -8.20
C ALA B 278 10.49 -14.46 -7.31
N MET B 279 9.16 -14.47 -7.18
CA MET B 279 8.47 -13.50 -6.35
C MET B 279 8.57 -13.87 -4.86
N LEU B 280 8.78 -15.16 -4.59
CA LEU B 280 8.94 -15.66 -3.23
C LEU B 280 10.41 -15.54 -2.84
N ALA B 281 11.25 -15.30 -3.85
CA ALA B 281 12.69 -15.18 -3.64
C ALA B 281 13.02 -14.02 -2.68
CL CL C . -4.21 28.41 3.22
CL CL D . -4.52 2.11 32.22
CL CL E . -4.99 -6.68 8.52
CL CL F . -18.25 4.12 0.27
CL CL G . -10.52 1.24 0.83
CL CL H . -19.01 0.18 20.61
CL CL I . -8.22 4.69 -4.96
CL CL J . 3.24 7.35 -8.84
#